data_3G88
#
_entry.id   3G88
#
_cell.length_a   77.847
_cell.length_b   77.847
_cell.length_c   167.665
_cell.angle_alpha   90.000
_cell.angle_beta   90.000
_cell.angle_gamma   120.000
#
_symmetry.space_group_name_H-M   'P 61'
#
loop_
_entity.id
_entity.type
_entity.pdbx_description
1 polymer 'Ribosomal RNA small subunit methyltransferase G'
2 non-polymer S-ADENOSYLMETHIONINE
3 non-polymer DI(HYDROXYETHYL)ETHER
4 water water
#
_entity_poly.entity_id   1
_entity_poly.type   'polypeptide(L)'
_entity_poly.pdbx_seq_one_letter_code
;MF(HIC)GKHPGGLSERGRALLLEGGKALGLDLKPHLEAFSRLYALLQEASGKVNLTALRGEEEVVVKHFLDSLTLLRLP
LWQGPLRVLDLGTGAGFPGLPLKIVRPELELVLVDATRKKVAFVERAIEVLGLKGARALWGRAEVLAREAGHREAYARAV
ARAVAPLCVLSELLLPFLEVGGAAVAMKGPRVEEELAPLPPALERLGGRLGEVLALQLPLSGEARHLVVLEKTAPTPPAY
PRRPGVPERHPLC
;
_entity_poly.pdbx_strand_id   A,B
#
loop_
_chem_comp.id
_chem_comp.type
_chem_comp.name
_chem_comp.formula
PEG non-polymer DI(HYDROXYETHYL)ETHER 'C4 H10 O3'
SAM non-polymer S-ADENOSYLMETHIONINE 'C15 H22 N6 O5 S'
#
# COMPACT_ATOMS: atom_id res chain seq x y z
N MET A 1 28.66 -7.05 -15.38
CA MET A 1 27.33 -6.47 -15.54
C MET A 1 27.23 -4.97 -15.17
N PHE A 2 26.12 -4.37 -15.64
CA PHE A 2 25.77 -2.94 -15.44
C PHE A 2 26.94 -1.99 -15.77
N HIC A 3 27.56 -2.16 -16.93
CA HIC A 3 28.68 -1.28 -17.30
C HIC A 3 28.34 -0.03 -18.11
O HIC A 3 29.12 0.91 -18.17
CB HIC A 3 29.64 -2.13 -18.12
CG HIC A 3 30.05 -3.29 -17.27
ND1 HIC A 3 30.95 -3.28 -16.29
CD2 HIC A 3 29.54 -4.50 -17.36
CE1 HIC A 3 31.02 -4.50 -15.78
NE2 HIC A 3 30.10 -5.24 -16.42
CZ HIC A 3 29.75 -6.66 -16.33
N GLY A 4 27.16 -0.04 -18.73
CA GLY A 4 26.77 1.04 -19.61
C GLY A 4 26.73 2.41 -18.96
N LYS A 5 27.41 3.37 -19.59
CA LYS A 5 27.35 4.76 -19.15
C LYS A 5 26.64 5.60 -20.23
N HIS A 6 25.81 6.53 -19.79
CA HIS A 6 25.05 7.35 -20.71
C HIS A 6 25.34 8.82 -20.44
N PRO A 7 25.40 9.62 -21.51
CA PRO A 7 25.69 11.05 -21.32
C PRO A 7 24.55 11.80 -20.64
N GLY A 8 23.30 11.45 -20.92
CA GLY A 8 22.19 12.30 -20.51
C GLY A 8 21.10 11.74 -19.61
N GLY A 9 21.45 10.78 -18.75
CA GLY A 9 20.49 10.27 -17.79
C GLY A 9 21.12 9.27 -16.85
N LEU A 10 20.28 8.42 -16.25
CA LEU A 10 20.78 7.35 -15.38
C LEU A 10 21.62 6.34 -16.18
N SER A 11 22.73 5.91 -15.58
CA SER A 11 23.59 4.86 -16.13
C SER A 11 22.85 3.52 -16.16
N GLU A 12 23.46 2.51 -16.78
CA GLU A 12 22.88 1.17 -16.73
C GLU A 12 22.73 0.70 -15.28
N ARG A 13 23.75 0.95 -14.47
CA ARG A 13 23.68 0.58 -13.05
C ARG A 13 22.60 1.37 -12.31
N GLY A 14 22.51 2.67 -12.58
CA GLY A 14 21.50 3.51 -11.94
C GLY A 14 20.09 3.04 -12.26
N ARG A 15 19.83 2.70 -13.52
CA ARG A 15 18.54 2.14 -13.92
C ARG A 15 18.26 0.84 -13.19
N ALA A 16 19.23 -0.05 -13.18
CA ALA A 16 19.08 -1.33 -12.49
C ALA A 16 18.76 -1.15 -11.00
N LEU A 17 19.50 -0.27 -10.33
CA LEU A 17 19.27 0.00 -8.91
C LEU A 17 17.85 0.50 -8.66
N LEU A 18 17.39 1.39 -9.53
CA LEU A 18 16.06 1.96 -9.36
C LEU A 18 15.01 0.86 -9.52
N LEU A 19 15.13 0.05 -10.57
CA LEU A 19 14.15 -1.01 -10.80
C LEU A 19 14.15 -2.04 -9.67
N GLU A 20 15.35 -2.38 -9.20
CA GLU A 20 15.52 -3.39 -8.17
C GLU A 20 14.93 -2.90 -6.84
N GLY A 21 15.23 -1.64 -6.52
CA GLY A 21 14.70 -1.00 -5.34
C GLY A 21 13.18 -0.92 -5.40
N GLY A 22 12.66 -0.58 -6.57
CA GLY A 22 11.21 -0.50 -6.77
C GLY A 22 10.56 -1.85 -6.48
N LYS A 23 11.11 -2.91 -7.05
CA LYS A 23 10.60 -4.27 -6.86
C LYS A 23 10.57 -4.65 -5.37
N ALA A 24 11.62 -4.30 -4.64
CA ALA A 24 11.68 -4.56 -3.19
C ALA A 24 10.55 -3.87 -2.45
N LEU A 25 10.07 -2.74 -2.98
CA LEU A 25 8.96 -2.01 -2.38
C LEU A 25 7.60 -2.48 -2.89
N GLY A 26 7.60 -3.42 -3.83
CA GLY A 26 6.37 -3.93 -4.40
C GLY A 26 5.89 -3.16 -5.61
N LEU A 27 6.79 -2.41 -6.24
CA LEU A 27 6.44 -1.54 -7.36
C LEU A 27 7.13 -1.97 -8.65
N ASP A 28 6.43 -1.83 -9.78
CA ASP A 28 7.06 -2.02 -11.08
C ASP A 28 7.38 -0.65 -11.65
N LEU A 29 8.65 -0.26 -11.63
CA LEU A 29 9.01 1.07 -12.06
C LEU A 29 9.38 1.16 -13.54
N LYS A 30 9.28 0.05 -14.26
CA LYS A 30 9.59 0.04 -15.69
C LYS A 30 8.84 1.13 -16.49
N PRO A 31 7.53 1.29 -16.23
CA PRO A 31 6.82 2.34 -16.98
C PRO A 31 7.30 3.76 -16.66
N HIS A 32 8.08 3.91 -15.60
CA HIS A 32 8.46 5.25 -15.14
C HIS A 32 9.96 5.50 -15.22
N LEU A 33 10.69 4.51 -15.71
CA LEU A 33 12.15 4.54 -15.73
C LEU A 33 12.65 5.77 -16.49
N GLU A 34 12.06 6.07 -17.64
CA GLU A 34 12.54 7.20 -18.44
C GLU A 34 12.24 8.54 -17.78
N ALA A 35 11.11 8.64 -17.07
CA ALA A 35 10.79 9.86 -16.33
C ALA A 35 11.76 10.09 -15.17
N PHE A 36 12.07 9.02 -14.45
CA PHE A 36 13.06 9.12 -13.38
C PHE A 36 14.46 9.43 -13.91
N SER A 37 14.80 8.85 -15.06
CA SER A 37 16.07 9.16 -15.70
C SER A 37 16.15 10.65 -16.03
N ARG A 38 15.08 11.18 -16.62
CA ARG A 38 15.05 12.61 -16.98
C ARG A 38 15.08 13.49 -15.73
N LEU A 39 14.42 13.07 -14.66
CA LEU A 39 14.43 13.85 -13.43
C LEU A 39 15.85 13.88 -12.87
N TYR A 40 16.53 12.75 -12.95
CA TYR A 40 17.92 12.68 -12.53
C TYR A 40 18.78 13.64 -13.37
N ALA A 41 18.60 13.61 -14.69
CA ALA A 41 19.33 14.54 -15.57
C ALA A 41 19.07 16.01 -15.20
N LEU A 42 17.82 16.32 -14.87
CA LEU A 42 17.46 17.69 -14.45
C LEU A 42 18.15 18.08 -13.16
N LEU A 43 18.21 17.15 -12.21
CA LEU A 43 18.86 17.42 -10.94
C LEU A 43 20.33 17.71 -11.20
N GLN A 44 20.93 16.97 -12.12
CA GLN A 44 22.32 17.20 -12.49
C GLN A 44 22.48 18.53 -13.21
N GLU A 45 21.61 18.81 -14.17
CA GLU A 45 21.67 20.09 -14.86
C GLU A 45 21.62 21.25 -13.85
N ALA A 46 20.87 21.07 -12.75
CA ALA A 46 20.76 22.14 -11.75
C ALA A 46 22.01 22.29 -10.91
N GLY A 57 28.63 7.94 -7.85
CA GLY A 57 28.30 7.80 -6.43
C GLY A 57 27.23 8.81 -6.10
N GLU A 58 27.31 9.92 -6.83
CA GLU A 58 26.28 10.93 -6.95
C GLU A 58 24.97 10.26 -7.36
N GLU A 59 25.07 9.45 -8.41
CA GLU A 59 23.91 8.78 -8.99
C GLU A 59 23.18 7.91 -7.97
N GLU A 60 23.94 7.11 -7.24
CA GLU A 60 23.33 6.21 -6.26
C GLU A 60 22.60 6.97 -5.16
N VAL A 61 23.16 8.10 -4.74
CA VAL A 61 22.49 8.98 -3.79
C VAL A 61 21.12 9.42 -4.29
N VAL A 62 21.05 9.89 -5.53
CA VAL A 62 19.78 10.32 -6.11
C VAL A 62 18.78 9.16 -6.20
N VAL A 63 19.26 8.01 -6.68
CA VAL A 63 18.38 6.84 -6.80
C VAL A 63 17.78 6.47 -5.44
N LYS A 64 18.60 6.57 -4.40
CA LYS A 64 18.12 6.38 -3.02
C LYS A 64 17.05 7.40 -2.60
N HIS A 65 17.19 8.65 -3.00
CA HIS A 65 16.15 9.66 -2.72
C HIS A 65 14.86 9.32 -3.45
N PHE A 66 14.98 8.83 -4.67
CA PHE A 66 13.80 8.41 -5.42
C PHE A 66 13.09 7.32 -4.65
N LEU A 67 13.86 6.32 -4.22
CA LEU A 67 13.30 5.15 -3.56
C LEU A 67 12.76 5.45 -2.17
N ASP A 68 13.49 6.27 -1.40
CA ASP A 68 13.00 6.71 -0.10
C ASP A 68 11.65 7.41 -0.25
N SER A 69 11.55 8.30 -1.23
CA SER A 69 10.29 9.01 -1.49
C SER A 69 9.17 8.02 -1.76
N LEU A 70 9.51 6.98 -2.52
CA LEU A 70 8.53 5.99 -2.94
C LEU A 70 8.06 5.07 -1.80
N THR A 71 8.76 5.11 -0.67
CA THR A 71 8.31 4.33 0.48
C THR A 71 6.92 4.76 0.95
N LEU A 72 6.48 5.96 0.56
CA LEU A 72 5.13 6.42 0.90
C LEU A 72 4.09 5.40 0.44
N LEU A 73 4.37 4.72 -0.67
CA LEU A 73 3.42 3.76 -1.24
C LEU A 73 3.24 2.51 -0.38
N ARG A 74 4.01 2.40 0.70
CA ARG A 74 3.84 1.28 1.64
C ARG A 74 2.64 1.52 2.57
N LEU A 75 2.03 2.69 2.47
CA LEU A 75 0.78 3.02 3.15
C LEU A 75 -0.30 3.14 2.07
N PRO A 76 -1.45 2.48 2.27
CA PRO A 76 -2.50 2.50 1.23
C PRO A 76 -3.30 3.79 1.26
N LEU A 77 -2.59 4.92 1.12
CA LEU A 77 -3.18 6.26 1.29
C LEU A 77 -3.35 7.04 -0.01
N TRP A 78 -3.08 6.42 -1.15
CA TRP A 78 -2.91 7.20 -2.38
C TRP A 78 -3.86 6.82 -3.51
N GLN A 79 -5.11 6.57 -3.16
CA GLN A 79 -6.13 6.15 -4.13
C GLN A 79 -6.91 7.32 -4.72
N GLY A 80 -7.00 7.36 -6.04
CA GLY A 80 -7.85 8.35 -6.70
C GLY A 80 -7.25 9.75 -6.72
N PRO A 81 -8.07 10.75 -7.10
CA PRO A 81 -7.55 12.11 -7.32
C PRO A 81 -7.50 12.98 -6.06
N LEU A 82 -6.82 12.50 -5.03
CA LEU A 82 -6.65 13.21 -3.77
C LEU A 82 -5.82 14.49 -3.96
N ARG A 83 -6.18 15.55 -3.25
CA ARG A 83 -5.35 16.76 -3.23
C ARG A 83 -4.29 16.58 -2.14
N VAL A 84 -3.03 16.69 -2.56
CA VAL A 84 -1.88 16.39 -1.70
C VAL A 84 -0.93 17.57 -1.64
N LEU A 85 -0.52 17.94 -0.43
CA LEU A 85 0.48 18.97 -0.21
C LEU A 85 1.80 18.31 0.15
N ASP A 86 2.86 18.65 -0.56
CA ASP A 86 4.20 18.28 -0.15
C ASP A 86 4.84 19.54 0.40
N LEU A 87 4.98 19.59 1.72
CA LEU A 87 5.41 20.81 2.41
C LEU A 87 6.92 20.81 2.60
N GLY A 88 7.58 21.84 2.10
CA GLY A 88 9.03 21.92 2.19
C GLY A 88 9.68 20.94 1.23
N THR A 89 9.13 20.87 0.03
CA THR A 89 9.51 19.91 -1.01
C THR A 89 10.98 19.96 -1.45
N GLY A 90 11.66 21.09 -1.23
CA GLY A 90 13.01 21.23 -1.73
C GLY A 90 13.05 21.07 -3.23
N ALA A 91 13.87 20.17 -3.73
CA ALA A 91 13.97 19.94 -5.17
C ALA A 91 12.87 19.02 -5.68
N GLY A 92 11.91 18.70 -4.80
CA GLY A 92 10.74 17.95 -5.21
C GLY A 92 10.64 16.56 -4.59
N PHE A 93 11.07 16.43 -3.34
CA PHE A 93 11.01 15.15 -2.63
C PHE A 93 10.24 15.31 -1.35
N PRO A 94 9.30 14.39 -1.10
CA PRO A 94 8.99 13.17 -1.86
C PRO A 94 7.95 13.34 -2.97
N GLY A 95 7.51 14.57 -3.23
CA GLY A 95 6.38 14.83 -4.09
C GLY A 95 6.48 14.40 -5.55
N LEU A 96 7.61 14.66 -6.19
CA LEU A 96 7.73 14.33 -7.60
C LEU A 96 7.78 12.81 -7.83
N PRO A 97 8.58 12.06 -7.06
CA PRO A 97 8.49 10.62 -7.28
C PRO A 97 7.07 10.09 -7.06
N LEU A 98 6.40 10.54 -6.00
CA LEU A 98 5.03 10.13 -5.70
C LEU A 98 4.08 10.42 -6.87
N LYS A 99 4.18 11.63 -7.41
CA LYS A 99 3.33 12.03 -8.52
C LYS A 99 3.58 11.26 -9.81
N ILE A 100 4.85 10.94 -10.06
CA ILE A 100 5.22 10.16 -11.23
C ILE A 100 4.51 8.81 -11.22
N VAL A 101 4.52 8.15 -10.06
CA VAL A 101 4.04 6.78 -9.94
C VAL A 101 2.53 6.71 -9.61
N ARG A 102 1.99 7.83 -9.12
CA ARG A 102 0.55 7.95 -8.85
C ARG A 102 -0.02 9.21 -9.51
N PRO A 103 -0.11 9.20 -10.85
CA PRO A 103 -0.42 10.42 -11.61
C PRO A 103 -1.79 11.03 -11.34
N GLU A 104 -2.72 10.31 -10.70
CA GLU A 104 -4.03 10.86 -10.40
C GLU A 104 -4.00 11.86 -9.26
N LEU A 105 -2.97 11.79 -8.41
CA LEU A 105 -2.88 12.71 -7.28
C LEU A 105 -2.77 14.13 -7.78
N GLU A 106 -3.48 15.05 -7.13
CA GLU A 106 -3.41 16.47 -7.46
C GLU A 106 -2.41 17.08 -6.46
N LEU A 107 -1.25 17.39 -6.95
N LEU A 107 -1.18 17.29 -6.92
CA LEU A 107 -0.13 17.72 -6.09
CA LEU A 107 -0.05 17.68 -6.07
C LEU A 107 0.19 19.21 -6.05
C LEU A 107 0.19 19.20 -6.05
N VAL A 108 0.37 19.74 -4.86
CA VAL A 108 0.86 21.10 -4.68
C VAL A 108 2.16 20.94 -3.89
N LEU A 109 3.27 21.40 -4.46
CA LEU A 109 4.57 21.29 -3.80
C LEU A 109 5.06 22.67 -3.35
N VAL A 110 5.16 22.85 -2.04
CA VAL A 110 5.45 24.15 -1.44
C VAL A 110 6.89 24.19 -0.90
N ASP A 111 7.56 25.32 -1.10
CA ASP A 111 8.83 25.56 -0.42
C ASP A 111 9.04 27.06 -0.22
N ALA A 112 9.69 27.41 0.89
CA ALA A 112 9.95 28.80 1.23
C ALA A 112 11.06 29.37 0.37
N THR A 113 11.79 28.48 -0.31
CA THR A 113 12.95 28.89 -1.08
C THR A 113 12.59 28.96 -2.55
N ARG A 114 12.65 30.16 -3.12
CA ARG A 114 12.16 30.39 -4.48
C ARG A 114 12.87 29.54 -5.54
N LYS A 115 14.18 29.40 -5.41
CA LYS A 115 14.97 28.65 -6.40
C LYS A 115 14.61 27.16 -6.43
N LYS A 116 14.24 26.63 -5.28
CA LYS A 116 13.76 25.25 -5.20
C LYS A 116 12.45 25.13 -5.97
N VAL A 117 11.53 26.06 -5.71
CA VAL A 117 10.22 26.06 -6.36
C VAL A 117 10.38 26.18 -7.88
N ALA A 118 11.30 27.03 -8.31
CA ALA A 118 11.55 27.22 -9.74
C ALA A 118 12.05 25.92 -10.37
N PHE A 119 12.94 25.22 -9.67
CA PHE A 119 13.40 23.92 -10.15
C PHE A 119 12.24 22.93 -10.31
N VAL A 120 11.39 22.84 -9.28
CA VAL A 120 10.27 21.90 -9.34
C VAL A 120 9.31 22.25 -10.48
N GLU A 121 9.09 23.54 -10.69
CA GLU A 121 8.20 23.99 -11.75
C GLU A 121 8.75 23.59 -13.12
N ARG A 122 10.07 23.74 -13.30
CA ARG A 122 10.73 23.32 -14.54
C ARG A 122 10.67 21.81 -14.73
N ALA A 123 10.82 21.06 -13.65
CA ALA A 123 10.73 19.60 -13.72
C ALA A 123 9.35 19.14 -14.15
N ILE A 124 8.32 19.79 -13.61
CA ILE A 124 6.95 19.50 -14.01
C ILE A 124 6.75 19.76 -15.50
N GLU A 125 7.21 20.92 -15.95
CA GLU A 125 7.12 21.32 -17.36
C GLU A 125 7.90 20.35 -18.27
N VAL A 126 9.13 20.03 -17.91
CA VAL A 126 9.98 19.14 -18.71
C VAL A 126 9.47 17.70 -18.73
N LEU A 127 9.06 17.18 -17.58
CA LEU A 127 8.52 15.82 -17.47
C LEU A 127 7.09 15.73 -17.99
N GLY A 128 6.47 16.88 -18.22
CA GLY A 128 5.10 16.91 -18.72
C GLY A 128 4.05 16.38 -17.74
N LEU A 129 4.27 16.58 -16.44
CA LEU A 129 3.30 16.16 -15.44
C LEU A 129 2.08 17.10 -15.46
N LYS A 130 0.89 16.52 -15.38
CA LYS A 130 -0.36 17.26 -15.34
C LYS A 130 -0.90 17.13 -13.92
N GLY A 131 -1.48 18.19 -13.38
CA GLY A 131 -2.07 18.12 -12.05
C GLY A 131 -1.03 18.17 -10.95
N ALA A 132 0.04 18.93 -11.21
CA ALA A 132 1.06 19.16 -10.21
C ALA A 132 1.46 20.62 -10.32
N ARG A 133 1.59 21.30 -9.19
CA ARG A 133 2.10 22.66 -9.25
C ARG A 133 2.96 23.00 -8.06
N ALA A 134 4.00 23.78 -8.33
CA ALA A 134 4.94 24.19 -7.31
C ALA A 134 4.55 25.59 -6.85
N LEU A 135 4.68 25.84 -5.55
CA LEU A 135 4.24 27.08 -4.97
C LEU A 135 5.27 27.63 -3.97
N TRP A 136 5.71 28.85 -4.19
CA TRP A 136 6.64 29.52 -3.27
C TRP A 136 5.82 30.13 -2.13
N GLY A 137 6.12 29.71 -0.90
CA GLY A 137 5.38 30.18 0.26
C GLY A 137 5.88 29.60 1.57
N ARG A 138 5.42 30.17 2.67
CA ARG A 138 5.74 29.68 4.02
C ARG A 138 4.53 28.94 4.54
N ALA A 139 4.75 27.78 5.14
CA ALA A 139 3.63 27.00 5.69
C ALA A 139 2.75 27.85 6.61
N GLU A 140 3.40 28.63 7.46
CA GLU A 140 2.72 29.40 8.51
C GLU A 140 1.80 30.46 7.91
N VAL A 141 2.11 30.91 6.70
CA VAL A 141 1.32 31.93 6.03
C VAL A 141 0.22 31.29 5.19
N LEU A 142 0.61 30.29 4.39
CA LEU A 142 -0.34 29.61 3.50
C LEU A 142 -1.48 28.95 4.25
N ALA A 143 -1.18 28.40 5.42
CA ALA A 143 -2.19 27.67 6.18
C ALA A 143 -3.20 28.58 6.87
N ARG A 144 -3.07 29.90 6.68
CA ARG A 144 -4.08 30.85 7.13
C ARG A 144 -4.87 31.41 5.99
N GLU A 145 -4.59 30.96 4.78
CA GLU A 145 -5.36 31.34 3.62
C GLU A 145 -6.51 30.36 3.44
N ALA A 146 -7.68 30.89 3.10
CA ALA A 146 -8.85 30.06 2.85
C ALA A 146 -8.57 29.06 1.73
N GLY A 147 -7.69 29.45 0.81
CA GLY A 147 -7.35 28.59 -0.32
C GLY A 147 -6.61 27.30 0.05
N HIS A 148 -5.96 27.28 1.21
CA HIS A 148 -5.14 26.13 1.59
C HIS A 148 -5.51 25.49 2.92
N ARG A 149 -6.04 26.28 3.85
CA ARG A 149 -6.32 25.76 5.17
C ARG A 149 -7.39 24.68 5.09
N GLU A 150 -7.05 23.50 5.62
CA GLU A 150 -7.97 22.38 5.67
C GLU A 150 -8.60 22.10 4.32
N ALA A 151 -7.75 22.20 3.30
CA ALA A 151 -8.17 22.06 1.91
C ALA A 151 -7.53 20.83 1.24
N TYR A 152 -6.72 20.09 2.00
CA TYR A 152 -6.01 18.93 1.45
C TYR A 152 -6.45 17.62 2.10
N ALA A 153 -6.48 16.56 1.31
CA ALA A 153 -6.79 15.23 1.84
C ALA A 153 -5.52 14.59 2.42
N ARG A 154 -4.38 14.95 1.86
CA ARG A 154 -3.10 14.39 2.26
C ARG A 154 -2.07 15.50 2.33
N ALA A 155 -1.09 15.33 3.20
CA ALA A 155 0.08 16.20 3.22
C ALA A 155 1.27 15.32 3.57
N VAL A 156 2.42 15.64 2.99
CA VAL A 156 3.64 14.89 3.29
C VAL A 156 4.78 15.88 3.50
N ALA A 157 5.79 15.46 4.27
CA ALA A 157 6.99 16.25 4.47
C ALA A 157 8.17 15.35 4.79
N ARG A 158 9.31 15.62 4.16
CA ARG A 158 10.54 14.91 4.50
C ARG A 158 11.64 15.93 4.83
N ALA A 159 12.37 15.67 5.90
CA ALA A 159 13.52 16.50 6.29
C ALA A 159 13.18 17.99 6.41
N VAL A 160 12.11 18.28 7.14
CA VAL A 160 11.64 19.67 7.33
C VAL A 160 11.85 20.18 8.76
N ALA A 161 11.38 19.41 9.75
CA ALA A 161 11.42 19.87 11.15
C ALA A 161 11.10 18.74 12.12
N PRO A 162 11.49 18.87 13.40
CA PRO A 162 11.11 17.86 14.40
C PRO A 162 9.60 17.71 14.41
N LEU A 163 9.10 16.54 14.84
CA LEU A 163 7.66 16.26 14.76
C LEU A 163 6.79 17.30 15.45
N CYS A 164 7.22 17.79 16.60
CA CYS A 164 6.43 18.77 17.35
C CYS A 164 6.19 20.04 16.54
N VAL A 165 7.22 20.48 15.84
CA VAL A 165 7.11 21.68 15.02
C VAL A 165 6.35 21.36 13.74
N LEU A 166 6.72 20.24 13.13
CA LEU A 166 6.18 19.86 11.83
C LEU A 166 4.68 19.63 11.89
N SER A 167 4.19 19.14 13.03
N SER A 167 4.19 19.14 13.02
CA SER A 167 2.78 18.87 13.19
CA SER A 167 2.77 18.87 13.16
C SER A 167 1.98 20.16 13.11
C SER A 167 1.94 20.16 13.15
N GLU A 168 2.51 21.22 13.72
CA GLU A 168 1.85 22.53 13.69
C GLU A 168 1.87 23.09 12.27
N LEU A 169 2.90 22.72 11.50
CA LEU A 169 2.99 23.16 10.11
C LEU A 169 2.06 22.38 9.19
N LEU A 170 1.88 21.09 9.46
CA LEU A 170 1.15 20.21 8.53
C LEU A 170 -0.34 20.11 8.82
N LEU A 171 -0.70 19.91 10.09
CA LEU A 171 -2.09 19.59 10.43
C LEU A 171 -3.11 20.65 9.94
N PRO A 172 -2.75 21.94 9.99
CA PRO A 172 -3.75 22.93 9.54
C PRO A 172 -4.10 22.87 8.04
N PHE A 173 -3.32 22.16 7.23
CA PHE A 173 -3.67 22.02 5.81
C PHE A 173 -4.70 20.93 5.55
N LEU A 174 -4.91 20.06 6.53
CA LEU A 174 -5.73 18.86 6.31
C LEU A 174 -7.21 19.09 6.56
N GLU A 175 -8.04 18.72 5.60
CA GLU A 175 -9.47 18.70 5.83
C GLU A 175 -9.69 17.60 6.88
N VAL A 176 -10.74 17.73 7.69
CA VAL A 176 -11.05 16.72 8.68
C VAL A 176 -11.24 15.37 7.99
N GLY A 177 -10.62 14.34 8.54
CA GLY A 177 -10.63 13.02 7.91
C GLY A 177 -9.40 12.79 7.04
N GLY A 178 -8.62 13.83 6.78
CA GLY A 178 -7.40 13.71 5.99
C GLY A 178 -6.26 13.12 6.81
N ALA A 179 -5.11 12.93 6.18
CA ALA A 179 -3.95 12.36 6.87
C ALA A 179 -2.65 12.96 6.34
N ALA A 180 -1.68 13.11 7.23
CA ALA A 180 -0.37 13.59 6.86
C ALA A 180 0.64 12.47 7.09
N VAL A 181 1.69 12.43 6.29
CA VAL A 181 2.79 11.52 6.56
C VAL A 181 4.06 12.31 6.78
N ALA A 182 4.58 12.25 8.00
CA ALA A 182 5.89 12.83 8.28
C ALA A 182 6.94 11.74 8.07
N MET A 183 7.72 11.88 7.01
CA MET A 183 8.78 10.90 6.72
C MET A 183 9.95 11.09 7.65
N LYS A 184 10.31 10.05 8.38
CA LYS A 184 11.37 10.15 9.37
C LYS A 184 12.46 9.09 9.19
N GLY A 185 13.60 9.34 9.83
CA GLY A 185 14.75 8.45 9.74
C GLY A 185 14.75 7.41 10.85
N PRO A 186 15.93 6.85 11.16
CA PRO A 186 16.09 5.71 12.10
C PRO A 186 15.60 6.00 13.52
N ARG A 187 15.69 7.25 13.97
CA ARG A 187 15.38 7.58 15.37
C ARG A 187 14.15 8.46 15.46
N VAL A 188 13.09 7.97 16.10
CA VAL A 188 11.88 8.77 16.26
C VAL A 188 11.44 8.84 17.73
N GLU A 189 12.09 8.05 18.57
CA GLU A 189 11.67 7.91 19.98
C GLU A 189 11.50 9.26 20.71
N GLU A 190 12.53 10.12 20.64
CA GLU A 190 12.47 11.43 21.33
C GLU A 190 11.47 12.40 20.74
N GLU A 191 11.33 12.40 19.42
CA GLU A 191 10.43 13.35 18.77
C GLU A 191 8.98 12.94 19.00
N LEU A 192 8.76 11.63 19.08
CA LEU A 192 7.41 11.10 19.27
C LEU A 192 6.92 11.21 20.72
N ALA A 193 7.83 11.10 21.68
CA ALA A 193 7.46 10.96 23.09
C ALA A 193 6.41 11.97 23.60
N PRO A 194 6.64 13.26 23.38
CA PRO A 194 5.73 14.27 23.95
C PRO A 194 4.61 14.67 22.99
N LEU A 195 4.49 13.99 21.86
CA LEU A 195 3.69 14.48 20.73
C LEU A 195 2.15 14.46 20.88
N PRO A 196 1.56 13.35 21.37
CA PRO A 196 0.10 13.28 21.30
C PRO A 196 -0.69 14.47 21.89
N PRO A 197 -0.28 15.03 23.05
CA PRO A 197 -1.05 16.18 23.52
C PRO A 197 -0.96 17.37 22.57
N ALA A 198 0.18 17.55 21.92
CA ALA A 198 0.31 18.65 20.98
C ALA A 198 -0.57 18.41 19.76
N LEU A 199 -0.70 17.16 19.33
CA LEU A 199 -1.57 16.85 18.20
C LEU A 199 -3.01 17.20 18.53
N GLU A 200 -3.45 16.84 19.74
CA GLU A 200 -4.81 17.18 20.19
C GLU A 200 -5.12 18.67 20.08
N ARG A 201 -4.17 19.50 20.48
CA ARG A 201 -4.34 20.94 20.40
C ARG A 201 -4.54 21.46 18.98
N LEU A 202 -4.08 20.66 18.02
CA LEU A 202 -4.12 21.05 16.61
C LEU A 202 -5.29 20.41 15.85
N GLY A 203 -6.05 19.58 16.55
CA GLY A 203 -7.13 18.83 15.92
C GLY A 203 -6.67 17.51 15.31
N GLY A 204 -5.48 17.04 15.70
CA GLY A 204 -4.96 15.78 15.16
C GLY A 204 -4.91 14.65 16.17
N ARG A 205 -4.66 13.44 15.68
CA ARG A 205 -4.39 12.26 16.50
C ARG A 205 -3.20 11.57 15.85
N LEU A 206 -2.39 10.89 16.64
CA LEU A 206 -1.31 10.11 16.09
C LEU A 206 -1.85 8.85 15.43
N GLY A 207 -1.54 8.65 14.16
CA GLY A 207 -1.90 7.44 13.45
C GLY A 207 -0.80 6.43 13.66
N GLU A 208 -0.68 5.49 12.73
CA GLU A 208 0.36 4.48 12.85
C GLU A 208 1.73 5.12 12.67
N VAL A 209 2.73 4.43 13.21
CA VAL A 209 4.12 4.72 12.88
C VAL A 209 4.63 3.49 12.19
N LEU A 210 4.83 3.58 10.88
CA LEU A 210 5.27 2.42 10.14
C LEU A 210 6.81 2.37 10.10
N ALA A 211 7.38 1.31 10.65
CA ALA A 211 8.81 1.08 10.55
C ALA A 211 9.11 0.24 9.31
N LEU A 212 10.13 0.64 8.57
CA LEU A 212 10.56 -0.09 7.38
C LEU A 212 12.06 0.07 7.15
N GLN A 213 12.64 -0.78 6.31
CA GLN A 213 14.08 -0.79 6.00
C GLN A 213 14.24 -0.43 4.52
N LEU A 214 15.05 0.59 4.22
CA LEU A 214 15.28 1.01 2.81
C LEU A 214 15.77 -0.13 1.95
N PRO A 215 15.30 -0.22 0.70
CA PRO A 215 15.62 -1.47 -0.02
C PRO A 215 17.09 -1.74 -0.41
N LEU A 216 17.89 -0.73 -0.67
CA LEU A 216 19.24 -1.05 -1.14
C LEU A 216 20.22 -0.89 0.00
N SER A 217 19.89 0.03 0.90
CA SER A 217 20.82 0.39 1.96
C SER A 217 20.53 -0.34 3.26
N GLY A 218 19.29 -0.78 3.46
CA GLY A 218 18.91 -1.40 4.72
C GLY A 218 18.74 -0.43 5.87
N GLU A 219 18.87 0.87 5.62
CA GLU A 219 18.69 1.87 6.67
C GLU A 219 17.26 1.93 7.19
N ALA A 220 17.12 2.14 8.49
CA ALA A 220 15.80 2.23 9.10
C ALA A 220 15.11 3.55 8.75
N ARG A 221 13.80 3.48 8.53
CA ARG A 221 12.98 4.65 8.28
C ARG A 221 11.69 4.49 9.06
N HIS A 222 11.01 5.61 9.31
CA HIS A 222 9.69 5.56 9.93
C HIS A 222 8.74 6.50 9.19
N LEU A 223 7.57 5.98 8.82
CA LEU A 223 6.52 6.83 8.29
C LEU A 223 5.55 7.13 9.44
N VAL A 224 5.52 8.39 9.89
CA VAL A 224 4.65 8.79 10.99
C VAL A 224 3.36 9.37 10.43
N VAL A 225 2.24 8.68 10.66
CA VAL A 225 0.97 9.18 10.15
C VAL A 225 0.27 10.05 11.18
N LEU A 226 -0.19 11.21 10.74
CA LEU A 226 -0.98 12.10 11.59
C LEU A 226 -2.38 12.20 11.02
N GLU A 227 -3.37 11.85 11.83
CA GLU A 227 -4.76 11.86 11.37
C GLU A 227 -5.42 13.19 11.74
N LYS A 228 -6.25 13.74 10.84
CA LYS A 228 -6.94 14.99 11.14
C LYS A 228 -8.35 14.68 11.61
N THR A 229 -8.61 15.01 12.86
CA THR A 229 -9.84 14.53 13.48
C THR A 229 -10.85 15.62 13.79
N ALA A 230 -10.36 16.83 14.01
CA ALA A 230 -11.24 17.97 14.23
C ALA A 230 -10.60 19.22 13.64
N PRO A 231 -11.38 20.30 13.47
CA PRO A 231 -10.79 21.52 12.89
C PRO A 231 -9.72 22.15 13.79
N THR A 232 -8.64 22.64 13.17
CA THR A 232 -7.54 23.26 13.88
C THR A 232 -7.95 24.63 14.45
N PRO A 233 -7.71 24.86 15.76
CA PRO A 233 -8.09 26.16 16.32
C PRO A 233 -7.37 27.32 15.63
N PRO A 234 -8.00 28.52 15.66
CA PRO A 234 -7.45 29.65 14.90
C PRO A 234 -6.07 30.12 15.38
N ALA A 235 -5.62 29.71 16.56
CA ALA A 235 -4.30 30.10 17.03
C ALA A 235 -3.17 29.54 16.16
N TYR A 236 -3.47 28.46 15.45
CA TYR A 236 -2.46 27.74 14.70
C TYR A 236 -2.69 27.76 13.19
N PRO A 237 -1.60 27.79 12.41
CA PRO A 237 -0.22 27.82 12.92
C PRO A 237 0.13 29.22 13.40
N ARG A 238 1.14 29.33 14.27
CA ARG A 238 1.61 30.64 14.70
C ARG A 238 2.48 31.24 13.60
N ARG A 239 3.02 32.43 13.85
CA ARG A 239 3.69 33.19 12.79
C ARG A 239 4.99 32.56 12.30
N PRO A 240 5.39 32.90 11.06
CA PRO A 240 6.61 32.27 10.53
C PRO A 240 7.74 32.31 11.53
N GLY A 241 8.33 31.14 11.77
CA GLY A 241 9.46 31.02 12.66
C GLY A 241 9.11 30.76 14.11
N VAL A 242 7.87 31.04 14.49
CA VAL A 242 7.46 30.87 15.89
C VAL A 242 7.38 29.41 16.30
N PRO A 243 6.74 28.57 15.47
CA PRO A 243 6.69 27.14 15.82
C PRO A 243 8.08 26.55 16.05
N GLU A 244 9.05 26.96 15.25
CA GLU A 244 10.41 26.45 15.40
C GLU A 244 11.10 27.00 16.65
N ARG A 245 10.85 28.27 16.97
CA ARG A 245 11.46 28.91 18.14
C ARG A 245 10.82 28.48 19.47
N HIS A 246 9.50 28.27 19.45
CA HIS A 246 8.75 27.84 20.62
C HIS A 246 7.81 26.68 20.30
N PRO A 247 8.37 25.49 20.10
CA PRO A 247 7.50 24.40 19.66
C PRO A 247 6.45 24.06 20.71
N LEU A 248 5.38 23.40 20.26
CA LEU A 248 4.31 22.97 21.14
C LEU A 248 4.73 21.83 22.08
N CYS A 249 5.77 21.11 21.70
CA CYS A 249 6.33 20.09 22.60
C CYS A 249 7.82 19.87 22.30
N MET B 1 -20.88 2.64 25.82
CA MET B 1 -20.77 2.72 24.36
C MET B 1 -20.97 1.38 23.62
N PHE B 2 -21.19 1.51 22.30
CA PHE B 2 -21.42 0.42 21.32
C PHE B 2 -22.46 -0.59 21.83
N HIC B 3 -23.61 -0.12 22.28
CA HIC B 3 -24.64 -1.06 22.78
C HIC B 3 -25.65 -1.54 21.75
O HIC B 3 -26.33 -2.55 21.97
CB HIC B 3 -25.38 -0.34 23.91
CG HIC B 3 -24.37 0.05 24.95
ND1 HIC B 3 -23.86 -0.75 25.89
CD2 HIC B 3 -23.83 1.24 25.07
CE1 HIC B 3 -23.00 -0.04 26.60
NE2 HIC B 3 -22.95 1.18 26.07
CZ HIC B 3 -22.22 2.40 26.43
N GLY B 4 -25.78 -0.80 20.66
CA GLY B 4 -26.78 -1.11 19.65
C GLY B 4 -26.68 -2.52 19.08
N LYS B 5 -27.78 -3.25 19.11
CA LYS B 5 -27.85 -4.54 18.44
C LYS B 5 -28.86 -4.44 17.28
N HIS B 6 -28.56 -5.12 16.19
CA HIS B 6 -29.39 -5.04 14.99
C HIS B 6 -29.80 -6.46 14.57
N PRO B 7 -31.04 -6.63 14.10
CA PRO B 7 -31.41 -8.01 13.72
C PRO B 7 -30.75 -8.48 12.43
N GLY B 8 -30.42 -7.55 11.53
CA GLY B 8 -30.06 -7.91 10.17
C GLY B 8 -28.66 -7.66 9.63
N GLY B 9 -27.68 -7.43 10.51
CA GLY B 9 -26.29 -7.26 10.07
C GLY B 9 -25.34 -7.08 11.24
N LEU B 10 -24.23 -6.38 11.02
CA LEU B 10 -23.29 -6.11 12.09
C LEU B 10 -23.93 -5.21 13.18
N SER B 11 -23.66 -5.55 14.43
CA SER B 11 -24.07 -4.75 15.58
C SER B 11 -23.33 -3.41 15.60
N GLU B 12 -23.72 -2.51 16.49
CA GLU B 12 -23.01 -1.24 16.65
C GLU B 12 -21.53 -1.48 16.96
N ARG B 13 -21.24 -2.43 17.86
CA ARG B 13 -19.85 -2.75 18.21
C ARG B 13 -19.12 -3.37 17.01
N GLY B 14 -19.79 -4.26 16.28
CA GLY B 14 -19.21 -4.89 15.10
C GLY B 14 -18.80 -3.85 14.06
N ARG B 15 -19.67 -2.89 13.80
CA ARG B 15 -19.36 -1.81 12.86
C ARG B 15 -18.18 -0.96 13.34
N ALA B 16 -18.17 -0.63 14.62
CA ALA B 16 -17.06 0.16 15.18
C ALA B 16 -15.73 -0.58 15.08
N LEU B 17 -15.74 -1.87 15.39
CA LEU B 17 -14.54 -2.69 15.32
C LEU B 17 -13.96 -2.72 13.90
N LEU B 18 -14.84 -2.86 12.92
CA LEU B 18 -14.41 -2.92 11.53
C LEU B 18 -13.80 -1.60 11.11
N LEU B 19 -14.46 -0.51 11.47
CA LEU B 19 -13.98 0.83 11.11
C LEU B 19 -12.63 1.13 11.76
N GLU B 20 -12.51 0.76 13.02
CA GLU B 20 -11.31 1.00 13.83
C GLU B 20 -10.15 0.19 13.25
N GLY B 21 -10.43 -1.07 12.99
CA GLY B 21 -9.48 -1.97 12.38
C GLY B 21 -9.05 -1.46 11.01
N GLY B 22 -10.01 -0.97 10.23
CA GLY B 22 -9.72 -0.41 8.93
C GLY B 22 -8.73 0.74 9.03
N LYS B 23 -8.99 1.66 9.96
CA LYS B 23 -8.12 2.81 10.16
C LYS B 23 -6.69 2.40 10.53
N ALA B 24 -6.57 1.38 11.38
CA ALA B 24 -5.26 0.92 11.80
C ALA B 24 -4.45 0.42 10.61
N LEU B 25 -5.15 -0.06 9.57
CA LEU B 25 -4.50 -0.54 8.35
C LEU B 25 -4.28 0.57 7.33
N GLY B 26 -4.77 1.77 7.63
CA GLY B 26 -4.64 2.91 6.72
C GLY B 26 -5.81 3.04 5.73
N LEU B 27 -6.93 2.41 6.07
CA LEU B 27 -8.09 2.35 5.17
C LEU B 27 -9.30 3.05 5.77
N ASP B 28 -10.08 3.72 4.93
CA ASP B 28 -11.36 4.25 5.38
C ASP B 28 -12.47 3.33 4.88
N LEU B 29 -13.04 2.56 5.81
CA LEU B 29 -14.02 1.56 5.43
C LEU B 29 -15.46 2.06 5.49
N LYS B 30 -15.63 3.33 5.84
CA LYS B 30 -16.96 3.92 5.89
C LYS B 30 -17.78 3.71 4.61
N PRO B 31 -17.16 3.90 3.43
CA PRO B 31 -17.93 3.67 2.21
C PRO B 31 -18.34 2.20 1.98
N HIS B 32 -17.74 1.26 2.71
CA HIS B 32 -18.00 -0.17 2.48
C HIS B 32 -18.66 -0.86 3.67
N LEU B 33 -19.00 -0.05 4.66
CA LEU B 33 -19.55 -0.58 5.91
C LEU B 33 -20.82 -1.38 5.66
N GLU B 34 -21.72 -0.87 4.81
CA GLU B 34 -22.98 -1.56 4.60
C GLU B 34 -22.79 -2.87 3.79
N ALA B 35 -21.82 -2.88 2.88
CA ALA B 35 -21.49 -4.10 2.14
C ALA B 35 -20.90 -5.17 3.06
N PHE B 36 -19.98 -4.77 3.94
CA PHE B 36 -19.43 -5.70 4.91
C PHE B 36 -20.50 -6.21 5.87
N SER B 37 -21.42 -5.34 6.26
CA SER B 37 -22.53 -5.74 7.13
C SER B 37 -23.40 -6.78 6.44
N ARG B 38 -23.71 -6.52 5.18
CA ARG B 38 -24.50 -7.44 4.36
C ARG B 38 -23.77 -8.78 4.17
N LEU B 39 -22.46 -8.72 3.97
CA LEU B 39 -21.67 -9.95 3.83
C LEU B 39 -21.70 -10.74 5.14
N TYR B 40 -21.60 -10.04 6.27
CA TYR B 40 -21.67 -10.70 7.56
C TYR B 40 -23.04 -11.39 7.72
N ALA B 41 -24.11 -10.70 7.35
CA ALA B 41 -25.44 -11.29 7.43
C ALA B 41 -25.56 -12.53 6.54
N LEU B 42 -24.98 -12.47 5.34
CA LEU B 42 -24.97 -13.64 4.44
C LEU B 42 -24.24 -14.83 5.06
N LEU B 43 -23.12 -14.58 5.72
CA LEU B 43 -22.37 -15.64 6.36
C LEU B 43 -23.20 -16.27 7.47
N GLN B 44 -23.93 -15.44 8.20
CA GLN B 44 -24.83 -15.94 9.23
C GLN B 44 -25.98 -16.71 8.64
N GLU B 45 -26.59 -16.14 7.60
CA GLU B 45 -27.70 -16.81 6.93
C GLU B 45 -27.25 -18.19 6.47
N ALA B 46 -26.00 -18.30 6.02
CA ALA B 46 -25.46 -19.60 5.64
C ALA B 46 -25.24 -20.47 6.87
N GLU B 58 -18.14 -14.33 17.98
CA GLU B 58 -18.84 -14.76 16.78
C GLU B 58 -18.76 -13.66 15.73
N GLU B 59 -19.41 -12.53 16.02
CA GLU B 59 -19.34 -11.37 15.15
C GLU B 59 -17.90 -10.88 15.07
N GLU B 60 -17.26 -10.84 16.23
CA GLU B 60 -15.87 -10.41 16.31
C GLU B 60 -14.93 -11.26 15.47
N VAL B 61 -15.17 -12.57 15.49
CA VAL B 61 -14.40 -13.49 14.65
C VAL B 61 -14.52 -13.15 13.15
N VAL B 62 -15.73 -12.91 12.67
CA VAL B 62 -15.92 -12.51 11.28
C VAL B 62 -15.24 -11.18 10.95
N VAL B 63 -15.40 -10.20 11.82
CA VAL B 63 -14.81 -8.88 11.58
C VAL B 63 -13.28 -9.01 11.43
N LYS B 64 -12.70 -9.90 12.24
CA LYS B 64 -11.28 -10.22 12.12
C LYS B 64 -10.89 -10.87 10.78
N HIS B 65 -11.73 -11.76 10.25
CA HIS B 65 -11.50 -12.30 8.92
C HIS B 65 -11.57 -11.22 7.86
N PHE B 66 -12.51 -10.28 8.00
CA PHE B 66 -12.58 -9.17 7.06
C PHE B 66 -11.26 -8.42 7.12
N LEU B 67 -10.81 -8.11 8.34
CA LEU B 67 -9.62 -7.27 8.52
C LEU B 67 -8.34 -8.00 8.09
N ASP B 68 -8.24 -9.28 8.45
CA ASP B 68 -7.09 -10.08 8.05
C ASP B 68 -6.97 -10.07 6.53
N SER B 69 -8.10 -10.27 5.84
CA SER B 69 -8.14 -10.28 4.38
C SER B 69 -7.64 -8.94 3.84
N LEU B 70 -8.06 -7.87 4.49
CA LEU B 70 -7.72 -6.51 4.04
C LEU B 70 -6.24 -6.15 4.27
N THR B 71 -5.53 -6.96 5.05
CA THR B 71 -4.09 -6.71 5.21
C THR B 71 -3.37 -6.78 3.86
N LEU B 72 -3.97 -7.44 2.88
CA LEU B 72 -3.37 -7.48 1.55
C LEU B 72 -3.04 -6.07 1.06
N LEU B 73 -3.84 -5.08 1.44
CA LEU B 73 -3.64 -3.72 0.95
CA LEU B 73 -3.66 -3.71 0.97
C LEU B 73 -2.39 -3.05 1.53
N ARG B 74 -1.70 -3.75 2.43
CA ARG B 74 -0.43 -3.24 2.97
C ARG B 74 0.71 -3.46 1.96
N LEU B 75 0.38 -4.10 0.85
CA LEU B 75 1.29 -4.26 -0.29
C LEU B 75 0.73 -3.45 -1.44
N PRO B 76 1.59 -2.65 -2.10
CA PRO B 76 1.08 -1.75 -3.15
C PRO B 76 0.83 -2.50 -4.47
N LEU B 77 0.09 -3.60 -4.41
CA LEU B 77 -0.04 -4.55 -5.51
C LEU B 77 -1.39 -4.54 -6.24
N TRP B 78 -2.28 -3.61 -5.88
CA TRP B 78 -3.67 -3.71 -6.30
C TRP B 78 -4.19 -2.51 -7.10
N GLN B 79 -3.32 -1.97 -7.95
CA GLN B 79 -3.67 -0.81 -8.77
C GLN B 79 -4.31 -1.23 -10.08
N GLY B 80 -5.45 -0.63 -10.39
CA GLY B 80 -6.05 -0.80 -11.70
C GLY B 80 -6.76 -2.12 -11.90
N PRO B 81 -7.12 -2.41 -13.16
CA PRO B 81 -8.01 -3.55 -13.50
C PRO B 81 -7.29 -4.89 -13.64
N LEU B 82 -6.48 -5.25 -12.66
CA LEU B 82 -5.73 -6.50 -12.63
C LEU B 82 -6.64 -7.71 -12.52
N ARG B 83 -6.24 -8.78 -13.20
CA ARG B 83 -6.95 -10.03 -13.09
C ARG B 83 -6.32 -10.80 -11.93
N VAL B 84 -7.17 -11.16 -10.97
CA VAL B 84 -6.69 -11.74 -9.71
C VAL B 84 -7.39 -13.06 -9.44
N LEU B 85 -6.61 -14.05 -9.03
CA LEU B 85 -7.14 -15.35 -8.64
C LEU B 85 -7.07 -15.47 -7.12
N ASP B 86 -8.20 -15.80 -6.49
CA ASP B 86 -8.19 -16.17 -5.09
C ASP B 86 -8.37 -17.68 -5.05
N LEU B 87 -7.29 -18.39 -4.77
CA LEU B 87 -7.27 -19.85 -4.86
CA LEU B 87 -7.28 -19.85 -4.85
C LEU B 87 -7.63 -20.48 -3.51
N GLY B 88 -8.65 -21.34 -3.50
CA GLY B 88 -9.12 -21.96 -2.27
C GLY B 88 -9.83 -20.96 -1.39
N THR B 89 -10.67 -20.14 -2.03
CA THR B 89 -11.34 -19.00 -1.40
C THR B 89 -12.28 -19.34 -0.23
N GLY B 90 -12.73 -20.59 -0.15
CA GLY B 90 -13.71 -20.96 0.86
C GLY B 90 -14.96 -20.11 0.73
N ALA B 91 -15.38 -19.47 1.82
CA ALA B 91 -16.55 -18.62 1.81
C ALA B 91 -16.26 -17.23 1.22
N GLY B 92 -15.08 -17.07 0.64
CA GLY B 92 -14.76 -15.84 -0.08
C GLY B 92 -13.70 -14.96 0.58
N PHE B 93 -12.71 -15.61 1.20
CA PHE B 93 -11.64 -14.92 1.90
C PHE B 93 -10.31 -15.38 1.35
N PRO B 94 -9.42 -14.43 1.03
CA PRO B 94 -9.51 -12.97 1.23
C PRO B 94 -10.16 -12.21 0.07
N GLY B 95 -10.63 -12.93 -0.95
CA GLY B 95 -11.10 -12.32 -2.18
C GLY B 95 -12.25 -11.34 -2.13
N LEU B 96 -13.29 -11.63 -1.35
CA LEU B 96 -14.44 -10.73 -1.33
C LEU B 96 -14.11 -9.41 -0.62
N PRO B 97 -13.48 -9.49 0.56
CA PRO B 97 -13.14 -8.18 1.15
C PRO B 97 -12.26 -7.36 0.20
N LEU B 98 -11.30 -7.99 -0.45
CA LEU B 98 -10.40 -7.30 -1.39
C LEU B 98 -11.18 -6.62 -2.51
N LYS B 99 -12.10 -7.37 -3.11
CA LYS B 99 -12.91 -6.86 -4.22
C LYS B 99 -13.84 -5.72 -3.79
N ILE B 100 -14.39 -5.83 -2.59
CA ILE B 100 -15.25 -4.76 -2.09
C ILE B 100 -14.50 -3.43 -2.00
N VAL B 101 -13.27 -3.49 -1.50
CA VAL B 101 -12.49 -2.28 -1.27
CA VAL B 101 -12.50 -2.25 -1.28
C VAL B 101 -11.67 -1.84 -2.48
N ARG B 102 -11.44 -2.77 -3.42
CA ARG B 102 -10.74 -2.45 -4.64
C ARG B 102 -11.56 -2.95 -5.84
N PRO B 103 -12.65 -2.24 -6.16
CA PRO B 103 -13.65 -2.73 -7.13
C PRO B 103 -13.14 -2.87 -8.58
N GLU B 104 -12.00 -2.28 -8.93
CA GLU B 104 -11.50 -2.40 -10.30
C GLU B 104 -10.91 -3.78 -10.58
N LEU B 105 -10.48 -4.45 -9.52
CA LEU B 105 -9.87 -5.76 -9.67
C LEU B 105 -10.84 -6.72 -10.31
N GLU B 106 -10.35 -7.51 -11.26
CA GLU B 106 -11.16 -8.52 -11.93
C GLU B 106 -10.86 -9.85 -11.23
N LEU B 107 -11.79 -10.29 -10.40
CA LEU B 107 -11.53 -11.40 -9.49
C LEU B 107 -12.18 -12.70 -9.94
N VAL B 108 -11.42 -13.78 -9.86
CA VAL B 108 -11.92 -15.12 -10.01
C VAL B 108 -11.65 -15.82 -8.69
N LEU B 109 -12.70 -16.31 -8.05
CA LEU B 109 -12.56 -16.97 -6.75
C LEU B 109 -12.82 -18.46 -6.92
N VAL B 110 -11.78 -19.27 -6.70
CA VAL B 110 -11.82 -20.70 -6.97
C VAL B 110 -11.88 -21.52 -5.69
N ASP B 111 -12.70 -22.57 -5.68
CA ASP B 111 -12.65 -23.55 -4.61
C ASP B 111 -13.04 -24.92 -5.14
N ALA B 112 -12.47 -25.95 -4.55
CA ALA B 112 -12.77 -27.32 -4.96
C ALA B 112 -14.08 -27.80 -4.35
N THR B 113 -14.61 -27.05 -3.39
CA THR B 113 -15.86 -27.42 -2.71
C THR B 113 -17.03 -26.64 -3.30
N ARG B 114 -17.97 -27.36 -3.89
CA ARG B 114 -19.07 -26.72 -4.62
C ARG B 114 -19.93 -25.79 -3.75
N LYS B 115 -20.23 -26.20 -2.52
CA LYS B 115 -21.12 -25.39 -1.66
C LYS B 115 -20.50 -24.05 -1.26
N LYS B 116 -19.17 -24.02 -1.20
CA LYS B 116 -18.45 -22.78 -0.95
C LYS B 116 -18.58 -21.85 -2.14
N VAL B 117 -18.34 -22.41 -3.33
CA VAL B 117 -18.46 -21.67 -4.58
C VAL B 117 -19.87 -21.08 -4.70
N ALA B 118 -20.87 -21.89 -4.38
CA ALA B 118 -22.28 -21.46 -4.42
C ALA B 118 -22.51 -20.27 -3.48
N PHE B 119 -21.94 -20.36 -2.29
CA PHE B 119 -22.05 -19.24 -1.34
C PHE B 119 -21.43 -17.98 -1.92
N VAL B 120 -20.22 -18.09 -2.46
CA VAL B 120 -19.55 -16.89 -2.99
C VAL B 120 -20.32 -16.25 -4.13
N GLU B 121 -20.87 -17.08 -4.99
CA GLU B 121 -21.63 -16.63 -6.14
C GLU B 121 -22.89 -15.87 -5.70
N ARG B 122 -23.55 -16.36 -4.66
CA ARG B 122 -24.72 -15.69 -4.07
C ARG B 122 -24.36 -14.38 -3.38
N ALA B 123 -23.20 -14.35 -2.73
CA ALA B 123 -22.69 -13.13 -2.12
C ALA B 123 -22.40 -12.07 -3.18
N ILE B 124 -21.80 -12.49 -4.30
CA ILE B 124 -21.54 -11.57 -5.40
C ILE B 124 -22.86 -11.00 -5.93
N GLU B 125 -23.86 -11.85 -6.08
CA GLU B 125 -25.16 -11.42 -6.60
C GLU B 125 -25.89 -10.49 -5.63
N VAL B 126 -25.90 -10.86 -4.36
CA VAL B 126 -26.61 -10.09 -3.35
C VAL B 126 -25.95 -8.73 -3.10
N LEU B 127 -24.62 -8.72 -3.06
CA LEU B 127 -23.86 -7.48 -2.86
C LEU B 127 -23.75 -6.66 -4.14
N GLY B 128 -24.10 -7.24 -5.28
CA GLY B 128 -24.07 -6.51 -6.54
C GLY B 128 -22.67 -6.21 -7.05
N LEU B 129 -21.70 -7.04 -6.71
CA LEU B 129 -20.35 -6.88 -7.22
C LEU B 129 -20.30 -7.19 -8.72
N LYS B 130 -19.54 -6.38 -9.45
CA LYS B 130 -19.32 -6.55 -10.88
C LYS B 130 -17.86 -6.90 -11.09
N GLY B 131 -17.55 -7.76 -12.04
CA GLY B 131 -16.17 -8.12 -12.31
C GLY B 131 -15.62 -9.08 -11.25
N ALA B 132 -16.52 -9.92 -10.75
CA ALA B 132 -16.14 -10.98 -9.82
C ALA B 132 -16.90 -12.24 -10.20
N ARG B 133 -16.21 -13.37 -10.22
CA ARG B 133 -16.90 -14.62 -10.44
C ARG B 133 -16.30 -15.77 -9.64
N ALA B 134 -17.18 -16.65 -9.18
CA ALA B 134 -16.80 -17.79 -8.38
C ALA B 134 -16.75 -19.00 -9.31
N LEU B 135 -15.77 -19.88 -9.09
CA LEU B 135 -15.53 -21.00 -9.99
C LEU B 135 -15.21 -22.28 -9.21
N TRP B 136 -16.00 -23.32 -9.48
CA TRP B 136 -15.77 -24.62 -8.86
C TRP B 136 -14.69 -25.37 -9.64
N GLY B 137 -13.60 -25.73 -8.97
CA GLY B 137 -12.51 -26.41 -9.64
C GLY B 137 -11.32 -26.68 -8.73
N ARG B 138 -10.40 -27.50 -9.26
CA ARG B 138 -9.17 -27.87 -8.55
C ARG B 138 -8.02 -27.09 -9.16
N ALA B 139 -7.16 -26.51 -8.32
CA ALA B 139 -6.01 -25.76 -8.82
C ALA B 139 -5.24 -26.57 -9.86
N GLU B 140 -5.00 -27.84 -9.56
CA GLU B 140 -4.15 -28.71 -10.37
C GLU B 140 -4.71 -28.95 -11.77
N VAL B 141 -6.03 -28.87 -11.88
CA VAL B 141 -6.72 -29.09 -13.15
C VAL B 141 -6.82 -27.77 -13.91
N LEU B 142 -7.25 -26.71 -13.22
CA LEU B 142 -7.44 -25.41 -13.86
C LEU B 142 -6.16 -24.82 -14.41
N ALA B 143 -5.06 -25.04 -13.71
CA ALA B 143 -3.81 -24.44 -14.15
C ALA B 143 -3.19 -25.19 -15.34
N ARG B 144 -3.89 -26.22 -15.83
CA ARG B 144 -3.52 -26.88 -17.09
C ARG B 144 -4.39 -26.44 -18.26
N GLU B 145 -5.35 -25.57 -17.99
CA GLU B 145 -6.22 -25.05 -19.03
C GLU B 145 -5.64 -23.75 -19.61
N ALA B 146 -5.73 -23.57 -20.93
CA ALA B 146 -5.22 -22.35 -21.57
C ALA B 146 -5.92 -21.11 -21.01
N GLY B 147 -7.18 -21.27 -20.60
CA GLY B 147 -7.96 -20.17 -20.06
C GLY B 147 -7.47 -19.62 -18.72
N HIS B 148 -6.68 -20.40 -17.99
CA HIS B 148 -6.24 -20.00 -16.65
C HIS B 148 -4.73 -19.98 -16.45
N ARG B 149 -4.02 -20.86 -17.16
CA ARG B 149 -2.58 -20.96 -16.97
C ARG B 149 -1.89 -19.68 -17.40
N GLU B 150 -1.11 -19.13 -16.47
CA GLU B 150 -0.33 -17.92 -16.69
C GLU B 150 -1.18 -16.80 -17.29
N ALA B 151 -2.40 -16.69 -16.77
CA ALA B 151 -3.40 -15.76 -17.26
C ALA B 151 -3.76 -14.68 -16.24
N TYR B 152 -3.11 -14.71 -15.07
CA TYR B 152 -3.42 -13.78 -14.00
C TYR B 152 -2.22 -12.88 -13.67
N ALA B 153 -2.49 -11.62 -13.35
CA ALA B 153 -1.45 -10.72 -12.88
C ALA B 153 -1.19 -10.94 -11.40
N ARG B 154 -2.24 -11.38 -10.69
CA ARG B 154 -2.16 -11.61 -9.25
C ARG B 154 -2.85 -12.89 -8.86
N ALA B 155 -2.36 -13.50 -7.79
CA ALA B 155 -3.05 -14.61 -7.14
C ALA B 155 -2.85 -14.50 -5.64
N VAL B 156 -3.87 -14.91 -4.88
CA VAL B 156 -3.80 -14.89 -3.42
C VAL B 156 -4.37 -16.19 -2.87
N ALA B 157 -3.92 -16.57 -1.69
CA ALA B 157 -4.45 -17.74 -1.00
C ALA B 157 -4.23 -17.61 0.50
N ARG B 158 -5.25 -17.97 1.27
CA ARG B 158 -5.16 -17.99 2.71
C ARG B 158 -5.62 -19.35 3.23
N ALA B 159 -4.84 -19.93 4.13
CA ALA B 159 -5.19 -21.18 4.80
C ALA B 159 -5.53 -22.31 3.82
N VAL B 160 -4.66 -22.50 2.85
CA VAL B 160 -4.82 -23.54 1.84
C VAL B 160 -3.83 -24.70 2.02
N ALA B 161 -2.54 -24.39 2.03
CA ALA B 161 -1.51 -25.42 2.10
C ALA B 161 -0.16 -24.83 2.53
N PRO B 162 0.79 -25.68 2.98
CA PRO B 162 2.14 -25.21 3.30
C PRO B 162 2.77 -24.58 2.06
N LEU B 163 3.71 -23.65 2.25
CA LEU B 163 4.26 -22.89 1.13
C LEU B 163 4.78 -23.74 -0.03
N CYS B 164 5.46 -24.83 0.30
CA CYS B 164 6.01 -25.71 -0.73
C CYS B 164 4.93 -26.28 -1.64
N VAL B 165 3.81 -26.66 -1.04
CA VAL B 165 2.70 -27.19 -1.82
C VAL B 165 2.00 -26.05 -2.56
N LEU B 166 1.70 -25.00 -1.81
CA LEU B 166 0.91 -23.88 -2.32
C LEU B 166 1.59 -23.19 -3.50
N SER B 167 2.93 -23.16 -3.48
CA SER B 167 3.68 -22.52 -4.56
C SER B 167 3.46 -23.25 -5.89
N GLU B 168 3.40 -24.57 -5.85
CA GLU B 168 3.10 -25.36 -7.05
C GLU B 168 1.66 -25.12 -7.51
N LEU B 169 0.77 -24.85 -6.55
CA LEU B 169 -0.62 -24.54 -6.89
C LEU B 169 -0.80 -23.13 -7.47
N LEU B 170 -0.05 -22.16 -6.95
CA LEU B 170 -0.27 -20.76 -7.31
C LEU B 170 0.52 -20.28 -8.53
N LEU B 171 1.81 -20.58 -8.55
CA LEU B 171 2.70 -20.00 -9.55
C LEU B 171 2.28 -20.26 -11.00
N PRO B 172 1.76 -21.47 -11.29
CA PRO B 172 1.36 -21.69 -12.69
C PRO B 172 0.22 -20.80 -13.19
N PHE B 173 -0.51 -20.12 -12.30
CA PHE B 173 -1.58 -19.24 -12.75
C PHE B 173 -1.06 -17.87 -13.19
N LEU B 174 0.17 -17.54 -12.78
CA LEU B 174 0.67 -16.19 -12.97
C LEU B 174 1.34 -15.97 -14.32
N GLU B 175 0.92 -14.91 -15.03
CA GLU B 175 1.65 -14.45 -16.19
C GLU B 175 3.03 -14.02 -15.69
N VAL B 176 4.05 -14.16 -16.53
CA VAL B 176 5.39 -13.69 -16.17
C VAL B 176 5.33 -12.21 -15.79
N GLY B 177 5.95 -11.85 -14.68
CA GLY B 177 5.89 -10.48 -14.18
C GLY B 177 4.81 -10.28 -13.12
N GLY B 178 3.89 -11.25 -13.02
CA GLY B 178 2.83 -11.20 -12.02
C GLY B 178 3.34 -11.58 -10.63
N ALA B 179 2.46 -11.58 -9.65
CA ALA B 179 2.85 -11.88 -8.29
C ALA B 179 1.71 -12.55 -7.51
N ALA B 180 2.09 -13.44 -6.61
CA ALA B 180 1.12 -14.10 -5.74
C ALA B 180 1.40 -13.71 -4.29
N VAL B 181 0.36 -13.66 -3.48
CA VAL B 181 0.55 -13.45 -2.05
C VAL B 181 0.01 -14.64 -1.29
N ALA B 182 0.90 -15.34 -0.60
CA ALA B 182 0.48 -16.42 0.28
C ALA B 182 0.31 -15.84 1.67
N MET B 183 -0.93 -15.73 2.12
CA MET B 183 -1.19 -15.17 3.44
C MET B 183 -0.87 -16.19 4.51
N LYS B 184 0.00 -15.81 5.44
CA LYS B 184 0.44 -16.75 6.45
C LYS B 184 0.27 -16.21 7.88
N GLY B 185 0.35 -17.13 8.84
CA GLY B 185 0.20 -16.81 10.24
C GLY B 185 1.52 -16.48 10.91
N PRO B 186 1.55 -16.63 12.25
CA PRO B 186 2.71 -16.20 13.08
C PRO B 186 4.02 -16.92 12.75
N ARG B 187 3.95 -18.15 12.27
CA ARG B 187 5.15 -18.93 12.06
C ARG B 187 5.36 -19.27 10.61
N VAL B 188 6.45 -18.77 10.03
CA VAL B 188 6.76 -19.08 8.64
C VAL B 188 8.14 -19.71 8.47
N GLU B 189 8.93 -19.75 9.53
CA GLU B 189 10.32 -20.19 9.41
C GLU B 189 10.49 -21.56 8.71
N GLU B 190 9.80 -22.58 9.21
CA GLU B 190 9.93 -23.94 8.65
C GLU B 190 9.47 -24.02 7.20
N GLU B 191 8.36 -23.34 6.91
CA GLU B 191 7.78 -23.41 5.59
C GLU B 191 8.67 -22.70 4.57
N LEU B 192 9.28 -21.60 4.98
CA LEU B 192 10.13 -20.80 4.09
C LEU B 192 11.49 -21.41 3.83
N ALA B 193 12.05 -22.08 4.83
CA ALA B 193 13.46 -22.49 4.77
C ALA B 193 13.90 -23.23 3.49
N PRO B 194 13.12 -24.21 3.04
CA PRO B 194 13.58 -24.95 1.85
C PRO B 194 12.98 -24.43 0.55
N LEU B 195 12.29 -23.30 0.60
CA LEU B 195 11.41 -22.89 -0.49
C LEU B 195 12.09 -22.42 -1.80
N PRO B 196 13.12 -21.57 -1.71
CA PRO B 196 13.62 -20.94 -2.94
C PRO B 196 14.00 -21.88 -4.12
N PRO B 197 14.63 -23.04 -3.86
CA PRO B 197 14.89 -23.92 -5.01
C PRO B 197 13.60 -24.46 -5.63
N ALA B 198 12.57 -24.68 -4.82
CA ALA B 198 11.33 -25.19 -5.39
C ALA B 198 10.66 -24.09 -6.21
N LEU B 199 10.74 -22.83 -5.78
CA LEU B 199 10.17 -21.75 -6.56
C LEU B 199 10.83 -21.71 -7.92
N GLU B 200 12.16 -21.83 -7.93
CA GLU B 200 12.87 -21.76 -9.20
C GLU B 200 12.43 -22.83 -10.19
N ARG B 201 12.14 -24.03 -9.72
CA ARG B 201 11.64 -25.07 -10.61
C ARG B 201 10.32 -24.68 -11.27
N LEU B 202 9.57 -23.81 -10.61
CA LEU B 202 8.24 -23.42 -11.07
C LEU B 202 8.23 -22.11 -11.88
N GLY B 203 9.40 -21.49 -12.03
CA GLY B 203 9.52 -20.21 -12.70
C GLY B 203 9.30 -19.03 -11.77
N GLY B 204 9.36 -19.27 -10.46
CA GLY B 204 9.13 -18.21 -9.50
C GLY B 204 10.38 -17.83 -8.73
N ARG B 205 10.27 -16.76 -7.95
CA ARG B 205 11.32 -16.40 -7.01
C ARG B 205 10.62 -15.84 -5.79
N LEU B 206 11.28 -15.96 -4.64
CA LEU B 206 10.71 -15.42 -3.43
C LEU B 206 10.81 -13.90 -3.46
N GLY B 207 9.68 -13.23 -3.30
CA GLY B 207 9.68 -11.79 -3.16
C GLY B 207 9.78 -11.47 -1.69
N GLU B 208 9.24 -10.33 -1.32
CA GLU B 208 9.31 -9.92 0.07
C GLU B 208 8.45 -10.84 0.96
N VAL B 209 8.83 -10.89 2.23
CA VAL B 209 7.99 -11.43 3.28
C VAL B 209 7.65 -10.30 4.21
N LEU B 210 6.41 -9.83 4.16
CA LEU B 210 6.00 -8.73 5.00
C LEU B 210 5.45 -9.22 6.34
N ALA B 211 6.12 -8.85 7.43
CA ALA B 211 5.61 -9.11 8.77
C ALA B 211 4.72 -7.96 9.20
N LEU B 212 3.58 -8.29 9.80
CA LEU B 212 2.65 -7.29 10.31
C LEU B 212 1.90 -7.84 11.52
N GLN B 213 1.29 -6.94 12.30
CA GLN B 213 0.45 -7.35 13.45
C GLN B 213 -1.00 -6.99 13.13
N LEU B 214 -1.95 -7.89 13.39
CA LEU B 214 -3.37 -7.62 13.16
C LEU B 214 -3.88 -6.46 14.01
N PRO B 215 -4.77 -5.61 13.46
CA PRO B 215 -5.06 -4.38 14.22
C PRO B 215 -5.73 -4.50 15.61
N LEU B 216 -6.59 -5.48 15.81
CA LEU B 216 -7.39 -5.56 17.04
C LEU B 216 -6.85 -6.61 18.00
N SER B 217 -6.34 -7.71 17.44
CA SER B 217 -5.88 -8.84 18.24
C SER B 217 -4.39 -8.78 18.55
N GLY B 218 -3.63 -8.12 17.68
CA GLY B 218 -2.18 -8.04 17.84
C GLY B 218 -1.41 -9.25 17.30
N GLU B 219 -2.13 -10.26 16.82
CA GLU B 219 -1.52 -11.49 16.30
C GLU B 219 -0.58 -11.26 15.12
N ALA B 220 0.55 -11.96 15.12
CA ALA B 220 1.51 -11.85 14.04
C ALA B 220 1.00 -12.49 12.74
N ARG B 221 1.29 -11.85 11.61
CA ARG B 221 0.94 -12.39 10.31
C ARG B 221 2.12 -12.16 9.36
N HIS B 222 2.18 -12.95 8.30
CA HIS B 222 3.19 -12.74 7.27
C HIS B 222 2.54 -12.80 5.89
N LEU B 223 2.83 -11.80 5.06
CA LEU B 223 2.40 -11.83 3.67
C LEU B 223 3.61 -12.25 2.85
N VAL B 224 3.56 -13.47 2.31
CA VAL B 224 4.68 -14.01 1.55
C VAL B 224 4.46 -13.76 0.06
N VAL B 225 5.28 -12.91 -0.55
CA VAL B 225 5.12 -12.60 -1.96
C VAL B 225 5.95 -13.55 -2.81
N LEU B 226 5.32 -14.12 -3.84
CA LEU B 226 6.00 -14.95 -4.82
C LEU B 226 5.96 -14.26 -6.17
N GLU B 227 7.14 -14.02 -6.75
CA GLU B 227 7.23 -13.36 -8.05
C GLU B 227 7.33 -14.38 -9.18
N LYS B 228 6.65 -14.11 -10.29
CA LYS B 228 6.71 -14.99 -11.44
C LYS B 228 7.73 -14.47 -12.43
N THR B 229 8.81 -15.21 -12.61
CA THR B 229 9.92 -14.68 -13.37
C THR B 229 10.14 -15.36 -14.73
N ALA B 230 9.72 -16.61 -14.86
CA ALA B 230 9.86 -17.35 -16.11
C ALA B 230 8.65 -18.27 -16.25
N PRO B 231 8.34 -18.74 -17.48
CA PRO B 231 7.16 -19.62 -17.56
C PRO B 231 7.34 -20.93 -16.81
N THR B 232 6.27 -21.44 -16.21
CA THR B 232 6.28 -22.69 -15.47
C THR B 232 6.44 -23.88 -16.41
N PRO B 233 7.40 -24.77 -16.12
CA PRO B 233 7.59 -25.99 -16.93
C PRO B 233 6.31 -26.84 -16.99
N PRO B 234 6.11 -27.58 -18.10
CA PRO B 234 4.85 -28.34 -18.29
C PRO B 234 4.59 -29.40 -17.23
N ALA B 235 5.61 -29.82 -16.49
CA ALA B 235 5.41 -30.84 -15.46
C ALA B 235 4.50 -30.35 -14.33
N TYR B 236 4.37 -29.03 -14.22
CA TYR B 236 3.66 -28.43 -13.09
C TYR B 236 2.41 -27.65 -13.50
N PRO B 237 1.34 -27.74 -12.70
CA PRO B 237 1.29 -28.52 -11.45
C PRO B 237 1.06 -30.01 -11.73
N ARG B 238 1.44 -30.87 -10.79
CA ARG B 238 1.19 -32.30 -10.93
C ARG B 238 -0.30 -32.58 -10.66
N ARG B 239 -0.69 -33.85 -10.73
CA ARG B 239 -2.12 -34.19 -10.70
C ARG B 239 -2.81 -33.91 -9.36
N PRO B 240 -4.15 -33.78 -9.36
CA PRO B 240 -4.76 -33.41 -8.08
C PRO B 240 -4.34 -34.32 -6.93
N GLY B 241 -3.94 -33.70 -5.81
CA GLY B 241 -3.53 -34.44 -4.63
C GLY B 241 -2.05 -34.77 -4.57
N VAL B 242 -1.37 -34.71 -5.72
CA VAL B 242 0.03 -35.11 -5.77
C VAL B 242 0.95 -34.06 -5.14
N PRO B 243 0.73 -32.78 -5.43
CA PRO B 243 1.56 -31.78 -4.75
C PRO B 243 1.50 -31.90 -3.23
N GLU B 244 0.32 -32.16 -2.68
CA GLU B 244 0.21 -32.30 -1.24
C GLU B 244 0.84 -33.61 -0.72
N ARG B 245 0.65 -34.70 -1.46
CA ARG B 245 1.20 -35.98 -1.06
C ARG B 245 2.74 -36.06 -1.22
N HIS B 246 3.28 -35.39 -2.24
CA HIS B 246 4.72 -35.39 -2.48
C HIS B 246 5.23 -33.99 -2.81
N PRO B 247 5.29 -33.13 -1.80
CA PRO B 247 5.61 -31.71 -2.03
C PRO B 247 7.01 -31.53 -2.62
N LEU B 248 7.22 -30.40 -3.29
CA LEU B 248 8.50 -30.11 -3.92
C LEU B 248 9.59 -29.80 -2.87
N CYS B 249 9.17 -29.52 -1.65
CA CYS B 249 10.12 -29.29 -0.56
C CYS B 249 9.42 -29.48 0.79
N SAM C . 11.65 17.66 1.43
CA SAM C . 12.91 17.83 0.71
C SAM C . 13.77 16.57 0.78
O SAM C . 14.74 16.45 0.04
OXT SAM C . 13.52 15.68 1.58
CB SAM C . 13.69 19.03 1.23
CG SAM C . 14.40 18.89 2.56
SD SAM C . 15.21 20.46 2.97
CE SAM C . 16.37 19.98 4.28
C5' SAM C . 13.91 21.35 3.89
C4' SAM C . 13.12 22.29 2.98
O4' SAM C . 11.95 22.76 3.61
C3' SAM C . 13.92 23.53 2.58
O3' SAM C . 13.93 23.62 1.17
C2' SAM C . 13.16 24.71 3.18
O2' SAM C . 13.14 25.85 2.34
C1' SAM C . 11.75 24.13 3.34
N9 SAM C . 11.01 24.66 4.49
C8 SAM C . 11.39 24.62 5.81
N7 SAM C . 10.43 25.21 6.55
C5 SAM C . 9.45 25.65 5.73
C6 SAM C . 8.25 26.33 5.96
N6 SAM C . 7.91 26.65 7.21
N1 SAM C . 7.43 26.65 4.90
C2 SAM C . 7.80 26.29 3.62
N3 SAM C . 8.98 25.63 3.38
C4 SAM C . 9.79 25.33 4.42
C1 PEG D . 8.11 33.18 1.81
O1 PEG D . 9.42 32.67 2.04
C2 PEG D . 7.83 33.24 0.30
O2 PEG D . 6.58 33.81 0.21
C3 PEG D . 6.28 34.16 -1.12
C4 PEG D . 4.96 34.90 -0.89
O4 PEG D . 5.21 35.95 0.06
N SAM E . -9.28 -19.14 1.90
CA SAM E . -10.41 -19.36 2.79
C SAM E . -10.19 -18.68 4.14
O SAM E . -11.13 -18.55 4.93
OXT SAM E . -9.08 -18.26 4.47
CB SAM E . -10.69 -20.86 2.99
CG SAM E . -9.71 -21.63 3.89
SD SAM E . -10.13 -23.40 3.88
CE SAM E . -9.16 -24.02 5.27
C5' SAM E . -9.18 -24.01 2.46
C4' SAM E . -10.02 -24.07 1.19
O4' SAM E . -9.19 -24.33 0.07
C3' SAM E . -11.07 -25.17 1.20
O3' SAM E . -12.33 -24.59 0.90
C2' SAM E . -10.67 -26.13 0.09
O2' SAM E . -11.76 -26.68 -0.60
C1' SAM E . -9.84 -25.23 -0.81
N9 SAM E . -8.81 -25.95 -1.58
C8 SAM E . -7.80 -26.71 -1.04
N7 SAM E . -7.07 -27.18 -2.07
C5 SAM E . -7.59 -26.76 -3.24
C6 SAM E . -7.23 -26.98 -4.56
N6 SAM E . -6.18 -27.73 -4.84
N1 SAM E . -7.97 -26.40 -5.56
C2 SAM E . -9.05 -25.60 -5.25
N3 SAM E . -9.41 -25.40 -3.94
C4 SAM E . -8.69 -25.98 -2.95
C1 PEG F . -13.78 -30.55 -7.53
O1 PEG F . -12.78 -31.57 -7.72
C2 PEG F . -13.77 -29.54 -8.70
O2 PEG F . -14.05 -29.60 -10.15
C3 PEG F . -15.40 -29.56 -10.71
C4 PEG F . -15.23 -29.59 -12.26
O4 PEG F . -14.58 -30.81 -12.65
C1 PEG G . -19.60 -20.74 6.14
O1 PEG G . -18.19 -20.53 6.01
C2 PEG G . -20.38 -20.21 4.93
O2 PEG G . -20.21 -20.69 3.58
C3 PEG G . -20.65 -21.98 3.28
C4 PEG G . -20.18 -23.28 3.98
O4 PEG G . -20.81 -24.49 3.43
#